data_4CTJ
#
_entry.id   4CTJ
#
_cell.length_a   60.980
_cell.length_b   185.430
_cell.length_c   51.520
_cell.angle_alpha   90.00
_cell.angle_beta   90.00
_cell.angle_gamma   90.00
#
_symmetry.space_group_name_H-M   'P 21 21 2'
#
loop_
_entity.id
_entity.type
_entity.pdbx_description
1 polymer 'NON-STRUCTURAL PROTEIN 5'
2 non-polymer S-ADENOSYLMETHIONINE
3 non-polymer '2,3-dihydro-1-benzofuran-5-carboxylic acid'
4 non-polymer 'SODIUM ION'
5 water water
#
_entity_poly.entity_id   1
_entity_poly.type   'polypeptide(L)'
_entity_poly.pdbx_seq_one_letter_code
;GTGSQGETLGEKWKKKLNQLSRKEFDLYKKSGITEVDRTEAKEGLKRGETTHHAVSRGSAKLQWFVERNMVIPEGRVIDL
GCGRGGWSYYCAGLKKVTEVRGYTKGGPGHEEPVPMSTYGWNIVKLMSGKDVFYLPPEKCDTLLCDIGESSPSPTVEESR
TIRVLKMVEPWLKNNQFCIKVLNPYMPTVIEHLERLQRKHGGMLVRNPLSRNSTHEMYWISNGTGNIVSSVNMVSRLLLN
RFTMTHRRPTIEKDVDLGAGTRHVNAEPETPNMDVI
;
_entity_poly.pdbx_strand_id   A,C
#
# COMPACT_ATOMS: atom_id res chain seq x y z
N GLU A 7 -7.09 -19.07 -25.16
CA GLU A 7 -8.07 -18.21 -24.49
C GLU A 7 -8.86 -19.00 -23.46
N THR A 8 -8.99 -18.45 -22.23
CA THR A 8 -9.70 -19.12 -21.17
C THR A 8 -11.23 -19.09 -21.39
N LEU A 9 -11.94 -19.98 -20.69
CA LEU A 9 -13.39 -19.96 -20.73
C LEU A 9 -13.90 -18.61 -20.20
N GLY A 10 -13.27 -18.09 -19.14
CA GLY A 10 -13.63 -16.78 -18.60
C GLY A 10 -13.55 -15.68 -19.62
N GLU A 11 -12.53 -15.71 -20.49
CA GLU A 11 -12.39 -14.71 -21.56
C GLU A 11 -13.53 -14.85 -22.59
N LYS A 12 -13.97 -16.10 -22.87
N LYS A 12 -13.99 -16.10 -22.85
CA LYS A 12 -15.08 -16.35 -23.80
CA LYS A 12 -15.09 -16.34 -23.79
C LYS A 12 -16.37 -15.76 -23.22
C LYS A 12 -16.37 -15.75 -23.21
N TRP A 13 -16.56 -15.94 -21.89
CA TRP A 13 -17.70 -15.39 -21.17
C TRP A 13 -17.69 -13.84 -21.26
N LYS A 14 -16.52 -13.22 -21.03
CA LYS A 14 -16.43 -11.77 -21.04
C LYS A 14 -16.71 -11.24 -22.46
N LYS A 15 -16.17 -11.90 -23.49
CA LYS A 15 -16.43 -11.50 -24.87
C LYS A 15 -17.95 -11.54 -25.15
N LYS A 16 -18.62 -12.65 -24.75
CA LYS A 16 -20.05 -12.78 -25.00
C LYS A 16 -20.82 -11.72 -24.21
N LEU A 17 -20.44 -11.47 -22.91
CA LEU A 17 -21.09 -10.45 -22.08
C LEU A 17 -21.03 -9.07 -22.77
N ASN A 18 -19.86 -8.73 -23.34
CA ASN A 18 -19.63 -7.46 -24.03
C ASN A 18 -20.40 -7.36 -25.36
N GLN A 19 -20.93 -8.47 -25.87
CA GLN A 19 -21.70 -8.43 -27.14
C GLN A 19 -23.18 -8.16 -26.86
N LEU A 20 -23.63 -8.34 -25.59
CA LEU A 20 -25.04 -8.17 -25.27
C LEU A 20 -25.56 -6.74 -25.41
N SER A 21 -26.80 -6.58 -25.89
CA SER A 21 -27.43 -5.28 -25.87
C SER A 21 -27.76 -4.91 -24.41
N ARG A 22 -28.10 -3.64 -24.13
CA ARG A 22 -28.45 -3.31 -22.74
C ARG A 22 -29.64 -4.18 -22.28
N LYS A 23 -30.62 -4.38 -23.20
CA LYS A 23 -31.79 -5.17 -22.85
C LYS A 23 -31.39 -6.60 -22.48
N GLU A 24 -30.55 -7.25 -23.32
CA GLU A 24 -30.09 -8.62 -23.09
C GLU A 24 -29.26 -8.67 -21.82
N PHE A 25 -28.39 -7.67 -21.60
CA PHE A 25 -27.54 -7.62 -20.41
C PHE A 25 -28.39 -7.55 -19.13
N ASP A 26 -29.43 -6.67 -19.15
CA ASP A 26 -30.29 -6.52 -17.97
C ASP A 26 -31.05 -7.82 -17.66
N LEU A 27 -31.48 -8.56 -18.69
CA LEU A 27 -32.13 -9.86 -18.43
C LEU A 27 -31.14 -10.92 -17.95
N TYR A 28 -29.92 -10.90 -18.50
CA TYR A 28 -28.93 -11.88 -18.13
C TYR A 28 -28.38 -11.71 -16.73
N LYS A 29 -28.16 -10.46 -16.32
CA LYS A 29 -27.40 -10.18 -15.11
C LYS A 29 -27.98 -10.81 -13.84
N LYS A 30 -29.31 -11.01 -13.76
CA LYS A 30 -29.89 -11.65 -12.58
C LYS A 30 -30.48 -13.01 -12.89
N SER A 31 -30.27 -13.57 -14.11
CA SER A 31 -30.89 -14.83 -14.52
C SER A 31 -30.36 -16.00 -13.68
N GLY A 32 -31.23 -16.58 -12.85
CA GLY A 32 -30.83 -17.74 -12.05
C GLY A 32 -30.02 -17.42 -10.80
N ILE A 33 -29.77 -16.14 -10.52
CA ILE A 33 -29.00 -15.79 -9.30
C ILE A 33 -29.88 -15.84 -8.06
N THR A 34 -29.27 -15.66 -6.88
CA THR A 34 -30.05 -15.52 -5.68
C THR A 34 -29.96 -14.02 -5.32
N GLU A 35 -31.04 -13.48 -4.74
CA GLU A 35 -30.97 -12.12 -4.25
C GLU A 35 -31.87 -11.92 -3.06
N VAL A 36 -31.51 -10.98 -2.19
CA VAL A 36 -32.38 -10.66 -1.07
C VAL A 36 -33.36 -9.59 -1.48
N ASP A 37 -34.54 -9.63 -0.91
CA ASP A 37 -35.53 -8.63 -1.20
C ASP A 37 -35.21 -7.38 -0.37
N ARG A 38 -34.76 -6.31 -1.05
CA ARG A 38 -34.33 -5.09 -0.40
C ARG A 38 -35.46 -4.07 -0.25
N THR A 39 -36.72 -4.44 -0.57
CA THR A 39 -37.79 -3.44 -0.55
C THR A 39 -37.96 -2.72 0.79
N GLU A 40 -38.05 -3.48 1.89
N GLU A 40 -38.06 -3.47 1.90
CA GLU A 40 -38.25 -2.94 3.24
CA GLU A 40 -38.27 -2.87 3.22
C GLU A 40 -37.08 -2.06 3.64
C GLU A 40 -37.08 -2.03 3.67
N ALA A 41 -35.84 -2.53 3.43
CA ALA A 41 -34.66 -1.77 3.80
C ALA A 41 -34.56 -0.49 3.01
N LYS A 42 -34.83 -0.55 1.71
CA LYS A 42 -34.72 0.69 0.90
C LYS A 42 -35.76 1.71 1.36
N GLU A 43 -36.98 1.26 1.67
CA GLU A 43 -38.00 2.19 2.16
C GLU A 43 -37.60 2.82 3.50
N GLY A 44 -37.04 1.99 4.40
CA GLY A 44 -36.65 2.48 5.72
C GLY A 44 -35.50 3.47 5.65
N LEU A 45 -34.49 3.12 4.83
CA LEU A 45 -33.31 3.98 4.64
C LEU A 45 -33.70 5.31 4.02
N LYS A 46 -34.66 5.32 3.09
CA LYS A 46 -35.09 6.57 2.46
C LYS A 46 -35.71 7.52 3.51
N ARG A 47 -36.38 6.93 4.53
CA ARG A 47 -37.01 7.63 5.64
C ARG A 47 -35.98 8.02 6.71
N GLY A 48 -34.74 7.56 6.58
CA GLY A 48 -33.70 7.86 7.57
C GLY A 48 -33.75 6.94 8.78
N GLU A 49 -34.38 5.74 8.65
CA GLU A 49 -34.40 4.82 9.78
C GLU A 49 -32.99 4.24 9.96
N THR A 50 -32.55 4.17 11.23
CA THR A 50 -31.19 3.76 11.58
C THR A 50 -31.08 2.42 12.24
N THR A 51 -32.20 1.76 12.53
CA THR A 51 -32.16 0.43 13.15
C THR A 51 -32.68 -0.60 12.17
N HIS A 52 -32.28 -1.87 12.39
CA HIS A 52 -32.69 -3.05 11.66
C HIS A 52 -32.13 -3.18 10.27
N HIS A 53 -32.23 -2.14 9.44
CA HIS A 53 -31.85 -2.22 8.04
C HIS A 53 -30.38 -2.39 7.78
N ALA A 54 -30.05 -3.27 6.82
CA ALA A 54 -28.71 -3.34 6.26
C ALA A 54 -28.61 -2.17 5.25
N VAL A 55 -27.43 -1.52 5.21
CA VAL A 55 -27.29 -0.35 4.34
C VAL A 55 -27.12 -0.70 2.89
N SER A 56 -26.79 -1.97 2.59
CA SER A 56 -26.56 -2.39 1.22
C SER A 56 -26.84 -3.88 1.16
N ARG A 57 -26.76 -4.45 -0.05
CA ARG A 57 -26.87 -5.92 -0.24
C ARG A 57 -25.64 -6.63 0.32
N GLY A 58 -24.60 -5.88 0.71
CA GLY A 58 -23.39 -6.55 1.17
C GLY A 58 -23.51 -7.29 2.48
N SER A 59 -24.40 -6.82 3.37
CA SER A 59 -24.55 -7.49 4.67
C SER A 59 -24.99 -8.94 4.40
N ALA A 60 -26.04 -9.14 3.54
CA ALA A 60 -26.45 -10.51 3.23
C ALA A 60 -25.37 -11.29 2.49
N LYS A 61 -24.57 -10.59 1.64
CA LYS A 61 -23.56 -11.27 0.84
C LYS A 61 -22.47 -11.82 1.73
N LEU A 62 -22.02 -11.04 2.72
CA LEU A 62 -20.97 -11.56 3.64
C LEU A 62 -21.60 -12.60 4.58
N GLN A 63 -22.87 -12.36 5.01
CA GLN A 63 -23.56 -13.29 5.88
C GLN A 63 -23.56 -14.70 5.26
N TRP A 64 -23.71 -14.76 3.92
CA TRP A 64 -23.75 -16.06 3.25
C TRP A 64 -22.48 -16.86 3.53
N PHE A 65 -21.31 -16.20 3.45
CA PHE A 65 -20.04 -16.90 3.74
C PHE A 65 -19.93 -17.21 5.24
N VAL A 66 -20.27 -16.25 6.12
CA VAL A 66 -20.09 -16.48 7.56
C VAL A 66 -20.95 -17.64 8.06
N GLU A 67 -22.22 -17.66 7.63
CA GLU A 67 -23.13 -18.72 8.10
C GLU A 67 -22.76 -20.11 7.61
N ARG A 68 -21.82 -20.20 6.66
CA ARG A 68 -21.25 -21.45 6.14
C ARG A 68 -19.85 -21.68 6.69
N ASN A 69 -19.41 -20.83 7.65
CA ASN A 69 -18.12 -20.97 8.32
C ASN A 69 -16.94 -20.81 7.38
N MET A 70 -17.15 -20.15 6.23
CA MET A 70 -16.03 -19.94 5.30
C MET A 70 -15.07 -18.85 5.77
N VAL A 71 -15.62 -17.84 6.48
CA VAL A 71 -14.88 -16.82 7.23
C VAL A 71 -15.63 -16.66 8.54
N ILE A 72 -14.90 -16.65 9.68
CA ILE A 72 -15.59 -16.53 10.96
C ILE A 72 -15.03 -15.27 11.64
N PRO A 73 -15.67 -14.10 11.42
CA PRO A 73 -15.14 -12.85 12.00
C PRO A 73 -15.00 -12.89 13.51
N GLU A 74 -13.88 -12.34 13.99
CA GLU A 74 -13.58 -12.30 15.40
C GLU A 74 -12.59 -11.18 15.69
N GLY A 75 -12.60 -10.72 16.94
CA GLY A 75 -11.67 -9.71 17.44
C GLY A 75 -11.71 -8.44 16.62
N ARG A 76 -10.55 -7.89 16.31
CA ARG A 76 -10.47 -6.65 15.51
C ARG A 76 -10.67 -6.99 14.03
N VAL A 77 -11.77 -6.49 13.43
CA VAL A 77 -12.09 -6.70 12.03
C VAL A 77 -11.69 -5.44 11.25
N ILE A 78 -10.95 -5.64 10.13
CA ILE A 78 -10.67 -4.56 9.19
C ILE A 78 -11.50 -4.82 7.94
N ASP A 79 -12.22 -3.76 7.48
CA ASP A 79 -13.09 -3.89 6.32
C ASP A 79 -12.61 -2.90 5.23
N LEU A 80 -11.79 -3.43 4.29
CA LEU A 80 -11.22 -2.58 3.21
C LEU A 80 -12.23 -2.41 2.08
N GLY A 81 -12.45 -1.16 1.70
CA GLY A 81 -13.45 -0.84 0.68
C GLY A 81 -14.83 -1.01 1.29
N CYS A 82 -15.05 -0.40 2.48
CA CYS A 82 -16.33 -0.64 3.17
C CYS A 82 -17.53 -0.02 2.49
N GLY A 83 -17.35 0.98 1.65
CA GLY A 83 -18.48 1.67 1.03
C GLY A 83 -19.48 2.17 2.07
N ARG A 84 -20.77 1.87 1.88
CA ARG A 84 -21.81 2.29 2.79
C ARG A 84 -21.66 1.64 4.17
N GLY A 85 -21.00 0.45 4.21
CA GLY A 85 -20.70 -0.23 5.48
C GLY A 85 -21.41 -1.55 5.69
N GLY A 86 -21.96 -2.16 4.66
CA GLY A 86 -22.73 -3.41 4.87
C GLY A 86 -21.97 -4.53 5.56
N TRP A 87 -20.70 -4.74 5.19
CA TRP A 87 -19.96 -5.80 5.85
C TRP A 87 -19.64 -5.42 7.30
N SER A 88 -19.29 -4.14 7.52
CA SER A 88 -18.91 -3.70 8.87
C SER A 88 -20.08 -3.75 9.86
N TYR A 89 -21.26 -3.28 9.43
CA TYR A 89 -22.41 -3.32 10.33
C TYR A 89 -22.85 -4.76 10.61
N TYR A 90 -22.69 -5.66 9.62
CA TYR A 90 -23.04 -7.05 9.91
C TYR A 90 -22.05 -7.67 10.93
N CYS A 91 -20.75 -7.44 10.73
CA CYS A 91 -19.75 -7.98 11.66
C CYS A 91 -19.92 -7.44 13.06
N ALA A 92 -20.35 -6.17 13.18
CA ALA A 92 -20.51 -5.53 14.48
C ALA A 92 -21.46 -6.25 15.42
N GLY A 93 -22.38 -7.07 14.86
CA GLY A 93 -23.34 -7.80 15.69
C GLY A 93 -22.92 -9.21 16.05
N LEU A 94 -21.73 -9.65 15.55
CA LEU A 94 -21.27 -11.04 15.72
C LEU A 94 -20.63 -11.25 17.06
N LYS A 95 -20.95 -12.37 17.74
CA LYS A 95 -20.49 -12.57 19.12
C LYS A 95 -18.96 -12.45 19.34
N LYS A 96 -18.14 -13.00 18.42
CA LYS A 96 -16.68 -12.97 18.63
C LYS A 96 -16.00 -11.64 18.25
N VAL A 97 -16.74 -10.75 17.61
CA VAL A 97 -16.17 -9.47 17.15
C VAL A 97 -16.12 -8.46 18.27
N THR A 98 -14.98 -7.75 18.39
CA THR A 98 -14.79 -6.75 19.43
C THR A 98 -14.64 -5.31 18.91
N GLU A 99 -14.25 -5.15 17.63
CA GLU A 99 -13.98 -3.85 17.03
C GLU A 99 -14.03 -3.99 15.54
N VAL A 100 -14.64 -3.00 14.86
CA VAL A 100 -14.72 -3.02 13.40
C VAL A 100 -14.17 -1.70 12.91
N ARG A 101 -13.18 -1.75 11.99
CA ARG A 101 -12.63 -0.54 11.39
C ARG A 101 -12.83 -0.67 9.87
N GLY A 102 -13.62 0.22 9.25
CA GLY A 102 -13.80 0.20 7.81
C GLY A 102 -13.12 1.38 7.17
N TYR A 103 -12.52 1.13 5.99
CA TYR A 103 -11.86 2.19 5.23
C TYR A 103 -12.45 2.19 3.83
N THR A 104 -12.73 3.38 3.29
CA THR A 104 -13.26 3.47 1.94
C THR A 104 -12.87 4.77 1.31
N LYS A 105 -12.81 4.77 -0.03
CA LYS A 105 -12.36 5.97 -0.74
C LYS A 105 -13.31 7.14 -0.62
N GLY A 106 -14.59 6.92 -0.88
CA GLY A 106 -15.56 8.01 -0.90
C GLY A 106 -15.26 9.05 -1.97
N GLY A 107 -15.96 10.18 -1.87
CA GLY A 107 -15.83 11.21 -2.89
C GLY A 107 -16.62 10.86 -4.15
N PRO A 108 -16.44 11.70 -5.19
CA PRO A 108 -17.14 11.46 -6.46
C PRO A 108 -16.90 10.06 -7.00
N GLY A 109 -17.97 9.38 -7.40
CA GLY A 109 -17.93 8.04 -7.97
C GLY A 109 -17.85 6.90 -6.97
N HIS A 110 -17.82 7.22 -5.67
CA HIS A 110 -17.66 6.23 -4.62
C HIS A 110 -18.67 6.41 -3.50
N GLU A 111 -19.23 5.31 -2.97
N GLU A 111 -19.07 5.31 -2.89
CA GLU A 111 -20.22 5.42 -1.90
CA GLU A 111 -20.01 5.27 -1.78
C GLU A 111 -19.58 5.84 -0.57
C GLU A 111 -19.44 5.93 -0.53
N GLU A 112 -20.30 6.65 0.19
CA GLU A 112 -19.88 7.16 1.49
C GLU A 112 -20.47 6.25 2.57
N PRO A 113 -19.78 6.10 3.71
CA PRO A 113 -20.37 5.35 4.82
C PRO A 113 -21.70 5.98 5.22
N VAL A 114 -22.66 5.10 5.58
CA VAL A 114 -23.97 5.51 6.06
C VAL A 114 -23.96 5.32 7.56
N PRO A 115 -24.24 6.37 8.36
CA PRO A 115 -24.26 6.17 9.82
C PRO A 115 -25.51 5.40 10.20
N MET A 116 -25.34 4.36 10.99
CA MET A 116 -26.48 3.55 11.44
C MET A 116 -26.39 3.25 12.94
N SER A 117 -27.51 2.78 13.50
CA SER A 117 -27.65 2.42 14.90
C SER A 117 -28.04 0.93 15.04
N THR A 118 -27.60 0.07 14.07
CA THR A 118 -27.86 -1.35 14.16
C THR A 118 -27.01 -1.95 15.28
N TYR A 119 -27.32 -3.18 15.70
CA TYR A 119 -26.67 -3.78 16.85
C TYR A 119 -25.15 -3.76 16.71
N GLY A 120 -24.49 -3.22 17.75
CA GLY A 120 -23.04 -3.14 17.76
C GLY A 120 -22.50 -1.92 17.05
N TRP A 121 -23.35 -0.91 16.70
CA TRP A 121 -22.85 0.30 16.01
C TRP A 121 -21.71 0.95 16.76
N ASN A 122 -21.73 0.86 18.11
CA ASN A 122 -20.74 1.57 18.91
C ASN A 122 -19.32 0.99 18.83
N ILE A 123 -19.15 -0.18 18.20
CA ILE A 123 -17.80 -0.78 18.06
C ILE A 123 -17.32 -0.61 16.59
N VAL A 124 -18.04 0.20 15.79
CA VAL A 124 -17.70 0.43 14.39
C VAL A 124 -17.17 1.85 14.22
N LYS A 125 -16.10 1.96 13.42
CA LYS A 125 -15.61 3.26 12.98
C LYS A 125 -15.37 3.15 11.48
N LEU A 126 -16.13 3.90 10.69
CA LEU A 126 -16.01 3.90 9.23
C LEU A 126 -15.31 5.19 8.86
N MET A 127 -14.18 5.07 8.17
N MET A 127 -14.23 5.06 8.10
CA MET A 127 -13.36 6.21 7.74
CA MET A 127 -13.38 6.19 7.73
C MET A 127 -13.35 6.30 6.22
C MET A 127 -13.29 6.33 6.21
N SER A 128 -13.91 7.39 5.68
CA SER A 128 -13.92 7.62 4.24
C SER A 128 -12.73 8.54 3.87
N GLY A 129 -12.60 8.82 2.58
CA GLY A 129 -11.50 9.62 2.07
C GLY A 129 -10.20 8.84 2.13
N LYS A 130 -10.27 7.49 2.22
CA LYS A 130 -9.07 6.65 2.37
C LYS A 130 -8.90 5.70 1.19
N ASP A 131 -7.84 5.87 0.42
CA ASP A 131 -7.50 4.99 -0.69
C ASP A 131 -6.60 3.94 -0.06
N VAL A 132 -7.11 2.71 0.04
CA VAL A 132 -6.38 1.62 0.70
C VAL A 132 -5.05 1.28 0.04
N PHE A 133 -4.83 1.68 -1.23
CA PHE A 133 -3.53 1.43 -1.87
C PHE A 133 -2.42 2.31 -1.27
N TYR A 134 -2.77 3.27 -0.39
CA TYR A 134 -1.76 4.08 0.29
C TYR A 134 -1.79 3.88 1.82
N LEU A 135 -2.59 2.91 2.28
CA LEU A 135 -2.72 2.67 3.71
C LEU A 135 -1.65 1.69 4.17
N PRO A 136 -0.89 1.99 5.24
CA PRO A 136 0.03 0.95 5.75
C PRO A 136 -0.81 -0.10 6.50
N PRO A 137 -0.42 -1.38 6.44
CA PRO A 137 -1.20 -2.43 7.13
C PRO A 137 -1.28 -2.28 8.64
N GLU A 138 -2.38 -2.74 9.20
CA GLU A 138 -2.61 -2.68 10.66
C GLU A 138 -2.81 -4.10 11.15
N LYS A 139 -2.54 -4.34 12.44
CA LYS A 139 -2.80 -5.65 13.04
C LYS A 139 -4.31 -5.84 13.13
N CYS A 140 -4.78 -7.03 12.73
CA CYS A 140 -6.20 -7.35 12.82
C CYS A 140 -6.40 -8.84 12.92
N ASP A 141 -7.55 -9.25 13.48
CA ASP A 141 -7.87 -10.66 13.61
C ASP A 141 -8.70 -11.16 12.44
N THR A 142 -9.33 -10.24 11.70
CA THR A 142 -10.13 -10.56 10.55
C THR A 142 -9.82 -9.51 9.51
N LEU A 143 -9.47 -9.92 8.28
CA LEU A 143 -9.23 -8.99 7.18
C LEU A 143 -10.25 -9.24 6.07
N LEU A 144 -11.09 -8.22 5.82
CA LEU A 144 -12.11 -8.25 4.81
C LEU A 144 -11.73 -7.25 3.72
N CYS A 145 -11.97 -7.63 2.47
CA CYS A 145 -11.75 -6.68 1.38
C CYS A 145 -12.75 -6.93 0.29
N ASP A 146 -13.49 -5.90 -0.13
CA ASP A 146 -14.50 -6.08 -1.18
C ASP A 146 -14.24 -5.15 -2.37
N ILE A 147 -13.01 -4.85 -2.67
CA ILE A 147 -12.62 -3.94 -3.75
C ILE A 147 -12.39 -4.67 -5.06
N GLY A 148 -12.85 -4.05 -6.13
CA GLY A 148 -12.59 -4.57 -7.48
C GLY A 148 -13.67 -4.00 -8.36
N GLU A 149 -13.31 -2.96 -9.10
CA GLU A 149 -14.25 -2.26 -9.96
C GLU A 149 -14.31 -2.95 -11.33
N SER A 150 -15.52 -3.34 -11.76
CA SER A 150 -15.69 -4.02 -13.06
C SER A 150 -15.32 -3.10 -14.22
N SER A 151 -14.91 -3.69 -15.32
CA SER A 151 -14.60 -2.91 -16.50
C SER A 151 -14.91 -3.78 -17.68
N PRO A 152 -15.39 -3.21 -18.78
CA PRO A 152 -15.54 -4.03 -20.01
C PRO A 152 -14.21 -4.63 -20.48
N SER A 153 -13.06 -4.04 -20.07
CA SER A 153 -11.75 -4.56 -20.47
C SER A 153 -11.28 -5.65 -19.51
N PRO A 154 -11.12 -6.93 -19.90
CA PRO A 154 -10.59 -7.90 -18.91
C PRO A 154 -9.13 -7.60 -18.55
N THR A 155 -8.34 -6.90 -19.44
CA THR A 155 -6.96 -6.56 -19.05
C THR A 155 -6.93 -5.48 -17.97
N VAL A 156 -7.89 -4.54 -18.01
CA VAL A 156 -8.02 -3.56 -16.92
C VAL A 156 -8.42 -4.32 -15.64
N GLU A 157 -9.36 -5.25 -15.75
CA GLU A 157 -9.77 -6.03 -14.58
C GLU A 157 -8.65 -6.88 -14.01
N GLU A 158 -7.82 -7.45 -14.88
CA GLU A 158 -6.68 -8.25 -14.49
C GLU A 158 -5.73 -7.40 -13.64
N SER A 159 -5.39 -6.17 -14.13
CA SER A 159 -4.53 -5.24 -13.39
C SER A 159 -5.14 -4.89 -12.03
N ARG A 160 -6.45 -4.60 -12.00
CA ARG A 160 -7.12 -4.26 -10.76
C ARG A 160 -7.06 -5.38 -9.77
N THR A 161 -7.30 -6.60 -10.25
CA THR A 161 -7.32 -7.78 -9.38
C THR A 161 -5.93 -8.06 -8.80
N ILE A 162 -4.88 -8.04 -9.65
CA ILE A 162 -3.52 -8.27 -9.14
C ILE A 162 -3.15 -7.20 -8.11
N ARG A 163 -3.51 -5.93 -8.41
CA ARG A 163 -3.20 -4.88 -7.44
C ARG A 163 -3.86 -5.12 -6.09
N VAL A 164 -5.14 -5.54 -6.09
CA VAL A 164 -5.78 -5.85 -4.79
C VAL A 164 -5.03 -6.99 -4.10
N LEU A 165 -4.70 -8.08 -4.84
CA LEU A 165 -4.03 -9.23 -4.22
C LEU A 165 -2.69 -8.85 -3.63
N LYS A 166 -1.96 -7.93 -4.29
CA LYS A 166 -0.66 -7.55 -3.74
C LYS A 166 -0.87 -6.64 -2.51
N MET A 167 -1.89 -5.78 -2.54
CA MET A 167 -2.15 -4.84 -1.44
C MET A 167 -2.59 -5.60 -0.18
N VAL A 168 -3.44 -6.63 -0.33
CA VAL A 168 -3.97 -7.29 0.85
C VAL A 168 -2.97 -8.13 1.58
N GLU A 169 -2.00 -8.71 0.86
CA GLU A 169 -1.11 -9.69 1.45
C GLU A 169 -0.46 -9.24 2.76
N PRO A 170 0.14 -8.04 2.87
CA PRO A 170 0.74 -7.68 4.18
C PRO A 170 -0.23 -7.55 5.34
N TRP A 171 -1.55 -7.55 5.06
CA TRP A 171 -2.52 -7.46 6.13
C TRP A 171 -2.80 -8.88 6.66
N LEU A 172 -2.35 -9.94 5.92
CA LEU A 172 -2.62 -11.34 6.25
C LEU A 172 -1.54 -11.92 7.13
N LYS A 173 -1.94 -12.29 8.33
CA LYS A 173 -1.04 -12.81 9.35
C LYS A 173 -1.75 -13.85 10.19
N ASN A 174 -1.97 -15.05 9.64
CA ASN A 174 -2.68 -16.13 10.34
C ASN A 174 -4.01 -15.61 10.97
N ASN A 175 -4.75 -14.83 10.19
CA ASN A 175 -6.05 -14.27 10.61
C ASN A 175 -7.15 -14.75 9.68
N GLN A 176 -8.40 -14.51 10.06
CA GLN A 176 -9.54 -14.85 9.23
C GLN A 176 -9.58 -13.86 8.06
N PHE A 177 -10.05 -14.28 6.87
CA PHE A 177 -10.11 -13.33 5.78
C PHE A 177 -11.17 -13.69 4.76
N CYS A 178 -11.62 -12.65 4.04
CA CYS A 178 -12.59 -12.84 2.94
C CYS A 178 -12.27 -11.69 1.98
N ILE A 179 -11.71 -12.03 0.79
CA ILE A 179 -11.23 -11.02 -0.14
C ILE A 179 -11.84 -11.20 -1.54
N LYS A 180 -12.43 -10.14 -2.10
N LYS A 180 -12.42 -10.12 -2.10
CA LYS A 180 -13.00 -10.27 -3.44
CA LYS A 180 -12.97 -10.21 -3.45
C LYS A 180 -11.87 -10.34 -4.46
C LYS A 180 -11.83 -10.35 -4.45
N VAL A 181 -12.04 -11.26 -5.42
CA VAL A 181 -11.15 -11.48 -6.55
C VAL A 181 -12.01 -11.15 -7.76
N LEU A 182 -11.91 -9.91 -8.27
CA LEU A 182 -12.78 -9.39 -9.34
C LEU A 182 -12.72 -10.28 -10.58
N ASN A 183 -11.49 -10.57 -11.06
CA ASN A 183 -11.33 -11.35 -12.28
C ASN A 183 -10.37 -12.49 -11.95
N PRO A 184 -10.92 -13.66 -11.59
CA PRO A 184 -10.08 -14.78 -11.14
C PRO A 184 -9.61 -15.68 -12.29
N TYR A 185 -10.02 -15.41 -13.53
CA TYR A 185 -9.78 -16.34 -14.65
C TYR A 185 -8.54 -16.05 -15.47
N MET A 186 -7.99 -14.83 -15.40
N MET A 186 -7.99 -14.84 -15.37
CA MET A 186 -6.79 -14.52 -16.16
CA MET A 186 -6.80 -14.49 -16.12
C MET A 186 -5.61 -15.33 -15.62
C MET A 186 -5.58 -15.31 -15.61
N PRO A 187 -4.82 -15.99 -16.50
CA PRO A 187 -3.67 -16.81 -16.04
C PRO A 187 -2.71 -16.15 -15.03
N THR A 188 -2.40 -14.86 -15.20
CA THR A 188 -1.52 -14.18 -14.23
C THR A 188 -2.18 -14.11 -12.84
N VAL A 189 -3.53 -13.95 -12.81
CA VAL A 189 -4.20 -13.90 -11.51
C VAL A 189 -4.16 -15.27 -10.84
N ILE A 190 -4.39 -16.34 -11.62
N ILE A 190 -4.39 -16.33 -11.63
CA ILE A 190 -4.37 -17.70 -11.11
CA ILE A 190 -4.36 -17.71 -11.15
C ILE A 190 -2.99 -17.99 -10.48
C ILE A 190 -2.99 -18.00 -10.50
N GLU A 191 -1.91 -17.50 -11.13
CA GLU A 191 -0.54 -17.70 -10.62
C GLU A 191 -0.38 -17.06 -9.24
N HIS A 192 -0.89 -15.81 -9.08
CA HIS A 192 -0.84 -15.13 -7.78
C HIS A 192 -1.73 -15.86 -6.76
N LEU A 193 -2.96 -16.26 -7.16
CA LEU A 193 -3.84 -16.96 -6.22
C LEU A 193 -3.24 -18.28 -5.72
N GLU A 194 -2.57 -19.02 -6.61
CA GLU A 194 -2.00 -20.30 -6.20
C GLU A 194 -0.87 -20.06 -5.19
N ARG A 195 -0.05 -19.02 -5.43
CA ARG A 195 1.04 -18.66 -4.51
C ARG A 195 0.43 -18.24 -3.17
N LEU A 196 -0.62 -17.40 -3.23
CA LEU A 196 -1.24 -16.93 -2.00
C LEU A 196 -1.86 -18.07 -1.20
N GLN A 197 -2.51 -19.03 -1.91
CA GLN A 197 -3.11 -20.17 -1.24
C GLN A 197 -2.03 -21.06 -0.59
N ARG A 198 -0.88 -21.21 -1.25
CA ARG A 198 0.18 -22.03 -0.66
C ARG A 198 0.63 -21.46 0.70
N LYS A 199 0.70 -20.13 0.77
CA LYS A 199 1.20 -19.41 1.95
C LYS A 199 0.16 -19.20 3.04
N HIS A 200 -1.05 -18.77 2.66
CA HIS A 200 -2.10 -18.39 3.60
C HIS A 200 -3.30 -19.37 3.64
N GLY A 201 -3.33 -20.37 2.77
CA GLY A 201 -4.40 -21.36 2.73
C GLY A 201 -5.68 -20.79 2.14
N GLY A 202 -6.80 -21.35 2.57
CA GLY A 202 -8.11 -20.90 2.12
C GLY A 202 -8.48 -21.42 0.74
N MET A 203 -9.63 -20.92 0.22
N MET A 203 -9.54 -20.86 0.15
CA MET A 203 -10.17 -21.38 -1.04
CA MET A 203 -9.94 -21.30 -1.18
C MET A 203 -10.95 -20.25 -1.74
C MET A 203 -10.82 -20.21 -1.79
N LEU A 204 -11.12 -20.36 -3.06
CA LEU A 204 -11.91 -19.39 -3.84
C LEU A 204 -13.33 -19.95 -3.95
N VAL A 205 -14.33 -19.08 -3.66
CA VAL A 205 -15.73 -19.51 -3.62
C VAL A 205 -16.61 -18.53 -4.39
N ARG A 206 -17.54 -19.05 -5.19
CA ARG A 206 -18.52 -18.21 -5.87
C ARG A 206 -19.74 -18.06 -4.98
N ASN A 207 -20.11 -16.78 -4.72
CA ASN A 207 -21.28 -16.50 -3.87
C ASN A 207 -22.54 -16.53 -4.78
N PRO A 208 -23.62 -17.26 -4.40
CA PRO A 208 -24.82 -17.27 -5.25
C PRO A 208 -25.51 -15.94 -5.38
N LEU A 209 -25.17 -14.97 -4.50
CA LEU A 209 -25.78 -13.64 -4.57
C LEU A 209 -25.03 -12.75 -5.53
N SER A 210 -23.91 -13.22 -6.10
CA SER A 210 -23.22 -12.38 -7.11
C SER A 210 -24.04 -12.38 -8.40
N ARG A 211 -23.98 -11.29 -9.13
CA ARG A 211 -24.68 -11.18 -10.42
C ARG A 211 -23.92 -11.91 -11.52
N ASN A 212 -24.63 -12.33 -12.59
CA ASN A 212 -23.96 -13.03 -13.71
C ASN A 212 -23.04 -12.09 -14.49
N SER A 213 -23.23 -10.77 -14.32
CA SER A 213 -22.44 -9.74 -15.02
C SER A 213 -21.02 -9.60 -14.44
N THR A 214 -20.71 -10.33 -13.35
CA THR A 214 -19.34 -10.31 -12.83
C THR A 214 -18.90 -11.75 -12.58
N HIS A 215 -17.61 -12.01 -12.84
CA HIS A 215 -17.05 -13.35 -12.59
C HIS A 215 -16.37 -13.39 -11.19
N GLU A 216 -16.67 -12.37 -10.35
CA GLU A 216 -16.01 -12.31 -9.05
C GLU A 216 -16.16 -13.61 -8.26
N MET A 217 -15.10 -13.94 -7.51
CA MET A 217 -15.13 -15.02 -6.54
C MET A 217 -14.42 -14.47 -5.32
N TYR A 218 -14.64 -15.08 -4.17
CA TYR A 218 -14.04 -14.60 -2.93
C TYR A 218 -13.03 -15.60 -2.39
N TRP A 219 -11.85 -15.09 -2.01
CA TRP A 219 -10.84 -15.91 -1.38
C TRP A 219 -11.14 -15.86 0.10
N ILE A 220 -11.62 -17.01 0.63
CA ILE A 220 -11.98 -17.11 2.03
C ILE A 220 -10.95 -17.95 2.77
N SER A 221 -10.81 -17.74 4.08
CA SER A 221 -9.76 -18.42 4.80
C SER A 221 -10.04 -19.87 5.16
N ASN A 222 -11.31 -20.25 5.39
CA ASN A 222 -11.64 -21.59 5.89
C ASN A 222 -12.20 -22.50 4.83
N GLY A 223 -11.29 -23.12 4.15
CA GLY A 223 -11.61 -24.06 3.10
C GLY A 223 -10.35 -24.47 2.37
N THR A 224 -10.51 -25.45 1.49
N THR A 224 -10.46 -25.50 1.54
CA THR A 224 -9.44 -26.02 0.69
CA THR A 224 -9.38 -26.02 0.72
C THR A 224 -10.02 -26.30 -0.69
C THR A 224 -9.98 -26.43 -0.63
N GLY A 225 -9.13 -26.56 -1.64
CA GLY A 225 -9.57 -26.94 -2.96
C GLY A 225 -8.66 -26.46 -4.05
N ASN A 226 -9.04 -26.81 -5.26
CA ASN A 226 -8.31 -26.54 -6.46
C ASN A 226 -8.89 -25.27 -7.04
N ILE A 227 -8.06 -24.21 -7.07
CA ILE A 227 -8.52 -22.91 -7.57
C ILE A 227 -8.88 -22.98 -9.06
N VAL A 228 -7.99 -23.50 -9.90
CA VAL A 228 -8.28 -23.59 -11.35
C VAL A 228 -9.64 -24.30 -11.57
N SER A 229 -9.87 -25.45 -10.90
CA SER A 229 -11.14 -26.16 -11.07
C SER A 229 -12.33 -25.29 -10.71
N SER A 230 -12.22 -24.55 -9.57
CA SER A 230 -13.31 -23.72 -9.12
C SER A 230 -13.58 -22.59 -10.07
N VAL A 231 -12.53 -22.02 -10.65
CA VAL A 231 -12.71 -20.89 -11.59
C VAL A 231 -13.36 -21.37 -12.89
N ASN A 232 -12.83 -22.46 -13.47
CA ASN A 232 -13.45 -22.98 -14.71
C ASN A 232 -14.92 -23.38 -14.48
N MET A 233 -15.24 -23.90 -13.28
N MET A 233 -15.25 -23.90 -13.27
CA MET A 233 -16.61 -24.28 -12.93
CA MET A 233 -16.63 -24.28 -12.94
C MET A 233 -17.54 -23.06 -13.05
C MET A 233 -17.54 -23.05 -13.07
N VAL A 234 -17.08 -21.90 -12.54
CA VAL A 234 -17.86 -20.66 -12.64
C VAL A 234 -17.93 -20.19 -14.10
N SER A 235 -16.82 -20.28 -14.84
CA SER A 235 -16.90 -19.84 -16.23
C SER A 235 -17.94 -20.65 -17.00
N ARG A 236 -17.96 -21.98 -16.79
CA ARG A 236 -18.91 -22.84 -17.50
C ARG A 236 -20.32 -22.52 -17.05
N LEU A 237 -20.52 -22.25 -15.74
CA LEU A 237 -21.81 -21.91 -15.21
C LEU A 237 -22.34 -20.67 -15.87
N LEU A 238 -21.52 -19.59 -15.90
CA LEU A 238 -21.94 -18.31 -16.45
C LEU A 238 -22.12 -18.34 -17.95
N LEU A 239 -21.29 -19.13 -18.66
CA LEU A 239 -21.46 -19.32 -20.09
C LEU A 239 -22.78 -19.98 -20.37
N ASN A 240 -23.13 -21.02 -19.58
CA ASN A 240 -24.36 -21.76 -19.86
C ASN A 240 -25.57 -20.89 -19.57
N ARG A 241 -25.45 -19.95 -18.64
CA ARG A 241 -26.56 -19.04 -18.31
C ARG A 241 -26.92 -18.11 -19.47
N PHE A 242 -26.03 -17.97 -20.48
CA PHE A 242 -26.37 -17.18 -21.67
C PHE A 242 -27.31 -17.98 -22.57
N THR A 243 -27.17 -19.33 -22.55
CA THR A 243 -27.80 -20.32 -23.43
C THR A 243 -29.17 -20.65 -22.97
N MET A 244 -29.34 -20.62 -21.65
CA MET A 244 -30.58 -20.95 -20.98
C MET A 244 -31.60 -19.87 -21.15
N THR A 245 -32.87 -20.29 -21.09
CA THR A 245 -34.04 -19.43 -21.07
C THR A 245 -33.91 -18.61 -19.76
N HIS A 246 -34.39 -17.36 -19.75
CA HIS A 246 -34.33 -16.51 -18.57
C HIS A 246 -34.95 -17.19 -17.32
N ARG A 247 -34.30 -17.01 -16.18
CA ARG A 247 -34.79 -17.56 -14.92
C ARG A 247 -34.85 -16.42 -13.93
N ARG A 248 -36.04 -16.07 -13.43
CA ARG A 248 -36.11 -14.98 -12.45
C ARG A 248 -35.23 -15.37 -11.24
N PRO A 249 -34.68 -14.39 -10.53
CA PRO A 249 -33.79 -14.75 -9.43
C PRO A 249 -34.52 -15.40 -8.26
N THR A 250 -33.80 -16.22 -7.52
CA THR A 250 -34.31 -16.86 -6.30
C THR A 250 -34.29 -15.80 -5.23
N ILE A 251 -35.48 -15.46 -4.69
CA ILE A 251 -35.60 -14.37 -3.71
C ILE A 251 -35.51 -14.88 -2.31
N GLU A 252 -34.65 -14.21 -1.51
CA GLU A 252 -34.51 -14.57 -0.10
C GLU A 252 -34.78 -13.36 0.78
N LYS A 253 -35.03 -13.59 2.08
N LYS A 253 -34.93 -13.61 2.08
CA LYS A 253 -35.29 -12.49 2.98
CA LYS A 253 -35.15 -12.54 3.04
C LYS A 253 -33.97 -11.78 3.35
C LYS A 253 -33.85 -11.76 3.25
N ASP A 254 -33.98 -10.45 3.42
CA ASP A 254 -32.83 -9.64 3.78
C ASP A 254 -32.58 -9.80 5.29
N VAL A 255 -31.39 -9.37 5.73
CA VAL A 255 -31.00 -9.51 7.13
C VAL A 255 -31.52 -8.40 8.02
N ASP A 256 -31.89 -8.77 9.23
CA ASP A 256 -32.29 -7.78 10.24
C ASP A 256 -31.09 -7.64 11.19
N LEU A 257 -30.45 -6.46 11.17
CA LEU A 257 -29.27 -6.23 11.98
C LEU A 257 -29.57 -5.62 13.36
N GLY A 258 -30.85 -5.56 13.74
CA GLY A 258 -31.26 -5.15 15.06
C GLY A 258 -30.90 -3.75 15.49
N ALA A 259 -30.68 -3.58 16.79
CA ALA A 259 -30.43 -2.27 17.40
C ALA A 259 -29.66 -2.50 18.69
N GLY A 260 -29.13 -1.42 19.26
CA GLY A 260 -28.47 -1.50 20.57
C GLY A 260 -26.96 -1.47 20.49
N THR A 261 -26.35 -1.20 21.63
CA THR A 261 -24.92 -1.13 21.76
C THR A 261 -24.39 -2.37 22.43
N ARG A 262 -23.07 -2.54 22.38
CA ARG A 262 -22.43 -3.68 23.07
C ARG A 262 -21.06 -3.32 23.66
N HIS A 263 -20.63 -4.06 24.56
N GLU B 7 23.01 -7.59 -16.85
CA GLU B 7 21.70 -8.17 -17.14
C GLU B 7 20.52 -7.23 -16.83
N THR B 8 20.48 -6.62 -15.61
CA THR B 8 19.41 -5.67 -15.35
C THR B 8 19.69 -4.36 -16.04
N LEU B 9 18.63 -3.59 -16.28
CA LEU B 9 18.79 -2.28 -16.87
C LEU B 9 19.68 -1.39 -15.98
N GLY B 10 19.51 -1.52 -14.66
CA GLY B 10 20.29 -0.74 -13.70
C GLY B 10 21.77 -1.06 -13.76
N GLU B 11 22.12 -2.33 -14.01
CA GLU B 11 23.54 -2.71 -14.17
C GLU B 11 24.11 -2.09 -15.44
N LYS B 12 23.26 -1.92 -16.50
CA LYS B 12 23.69 -1.32 -17.76
C LYS B 12 23.91 0.19 -17.54
N TRP B 13 23.07 0.82 -16.71
CA TRP B 13 23.24 2.22 -16.33
C TRP B 13 24.56 2.36 -15.54
N LYS B 14 24.81 1.45 -14.56
CA LYS B 14 26.01 1.53 -13.70
C LYS B 14 27.28 1.43 -14.53
N LYS B 15 27.31 0.51 -15.49
CA LYS B 15 28.47 0.34 -16.40
C LYS B 15 28.73 1.64 -17.18
N LYS B 16 27.64 2.29 -17.67
CA LYS B 16 27.83 3.55 -18.38
C LYS B 16 28.33 4.64 -17.43
N LEU B 17 27.76 4.72 -16.22
CA LEU B 17 28.17 5.74 -15.22
C LEU B 17 29.66 5.62 -14.90
N ASN B 18 30.14 4.39 -14.75
CA ASN B 18 31.53 4.11 -14.43
C ASN B 18 32.51 4.47 -15.54
N GLN B 19 32.02 4.59 -16.79
CA GLN B 19 32.85 4.93 -17.96
C GLN B 19 32.99 6.43 -18.18
N LEU B 20 32.12 7.25 -17.55
CA LEU B 20 32.15 8.69 -17.69
C LEU B 20 33.42 9.30 -17.13
N SER B 21 33.94 10.35 -17.78
CA SER B 21 35.06 11.08 -17.22
C SER B 21 34.51 11.97 -16.10
N ARG B 22 35.41 12.54 -15.28
CA ARG B 22 35.03 13.45 -14.18
C ARG B 22 34.14 14.61 -14.69
N LYS B 23 34.49 15.17 -15.89
CA LYS B 23 33.76 16.25 -16.53
C LYS B 23 32.36 15.80 -16.95
N GLU B 24 32.25 14.63 -17.65
CA GLU B 24 30.97 14.07 -18.12
C GLU B 24 30.09 13.76 -16.90
N PHE B 25 30.69 13.21 -15.83
CA PHE B 25 29.98 12.86 -14.60
C PHE B 25 29.32 14.09 -13.95
N ASP B 26 30.08 15.21 -13.84
CA ASP B 26 29.56 16.45 -13.23
C ASP B 26 28.41 17.04 -14.06
N LEU B 27 28.50 16.95 -15.42
CA LEU B 27 27.45 17.44 -16.35
C LEU B 27 26.19 16.56 -16.18
N TYR B 28 26.39 15.26 -16.06
CA TYR B 28 25.29 14.31 -15.95
C TYR B 28 24.55 14.33 -14.63
N LYS B 29 25.29 14.35 -13.51
CA LYS B 29 24.69 14.15 -12.19
C LYS B 29 23.52 15.08 -11.82
N LYS B 30 23.48 16.30 -12.34
CA LYS B 30 22.39 17.20 -12.03
C LYS B 30 21.46 17.47 -13.22
N SER B 31 21.69 16.83 -14.37
CA SER B 31 20.85 17.11 -15.54
C SER B 31 19.38 16.80 -15.31
N GLY B 32 18.57 17.85 -15.36
CA GLY B 32 17.12 17.71 -15.19
C GLY B 32 16.65 17.36 -13.80
N ILE B 33 17.54 17.41 -12.79
CA ILE B 33 17.08 17.08 -11.43
C ILE B 33 16.47 18.31 -10.76
N THR B 34 15.88 18.11 -9.56
CA THR B 34 15.43 19.21 -8.74
C THR B 34 16.46 19.34 -7.62
N GLU B 35 16.78 20.59 -7.23
CA GLU B 35 17.66 20.81 -6.10
C GLU B 35 17.33 22.08 -5.36
N VAL B 36 17.61 22.08 -4.07
CA VAL B 36 17.42 23.29 -3.29
C VAL B 36 18.63 24.15 -3.37
N ASP B 37 18.42 25.45 -3.25
CA ASP B 37 19.55 26.36 -3.30
C ASP B 37 20.13 26.45 -1.89
N ARG B 38 21.31 25.88 -1.71
CA ARG B 38 22.02 25.82 -0.43
C ARG B 38 22.95 26.99 -0.16
N THR B 39 22.96 28.01 -1.05
CA THR B 39 23.86 29.14 -0.92
C THR B 39 23.76 29.85 0.44
N GLU B 40 22.53 30.27 0.83
CA GLU B 40 22.35 31.02 2.09
C GLU B 40 22.61 30.09 3.30
N ALA B 41 22.19 28.80 3.23
CA ALA B 41 22.41 27.89 4.35
C ALA B 41 23.89 27.60 4.58
N LYS B 42 24.65 27.40 3.49
CA LYS B 42 26.07 27.11 3.65
C LYS B 42 26.80 28.29 4.27
N GLU B 43 26.45 29.52 3.86
CA GLU B 43 27.05 30.73 4.45
C GLU B 43 26.69 30.83 5.94
N GLY B 44 25.43 30.59 6.29
CA GLY B 44 25.00 30.68 7.68
C GLY B 44 25.71 29.66 8.55
N LEU B 45 25.74 28.41 8.06
CA LEU B 45 26.43 27.35 8.78
C LEU B 45 27.92 27.64 8.97
N LYS B 46 28.58 28.20 7.92
CA LYS B 46 29.98 28.61 8.03
C LYS B 46 30.16 29.60 9.18
N ARG B 47 29.19 30.51 9.37
CA ARG B 47 29.23 31.51 10.44
C ARG B 47 28.77 30.99 11.81
N GLY B 48 28.36 29.73 11.88
CA GLY B 48 27.90 29.14 13.12
C GLY B 48 26.47 29.52 13.50
N GLU B 49 25.66 29.91 12.51
CA GLU B 49 24.26 30.23 12.75
C GLU B 49 23.55 28.91 13.02
N THR B 50 22.68 28.89 14.05
CA THR B 50 21.99 27.68 14.48
C THR B 50 20.49 27.75 14.27
N THR B 51 19.95 28.85 13.69
CA THR B 51 18.51 28.91 13.43
C THR B 51 18.27 28.92 11.92
N HIS B 52 17.04 28.53 11.53
CA HIS B 52 16.49 28.51 10.18
C HIS B 52 17.10 27.48 9.25
N HIS B 53 18.41 27.40 9.20
CA HIS B 53 19.11 26.55 8.25
C HIS B 53 18.93 25.08 8.46
N ALA B 54 18.77 24.34 7.35
CA ALA B 54 18.88 22.89 7.39
C ALA B 54 20.40 22.60 7.36
N VAL B 55 20.81 21.57 8.11
CA VAL B 55 22.23 21.22 8.20
C VAL B 55 22.77 20.55 6.94
N SER B 56 21.86 20.07 6.08
CA SER B 56 22.23 19.34 4.87
C SER B 56 21.04 19.42 3.91
N ARG B 57 21.23 18.89 2.70
CA ARG B 57 20.16 18.76 1.71
C ARG B 57 19.14 17.71 2.16
N GLY B 58 19.44 16.96 3.23
CA GLY B 58 18.53 15.90 3.65
C GLY B 58 17.18 16.41 4.12
N SER B 59 17.12 17.61 4.75
CA SER B 59 15.83 18.11 5.26
C SER B 59 14.85 18.30 4.11
N ALA B 60 15.30 18.94 3.01
CA ALA B 60 14.42 19.11 1.85
C ALA B 60 14.08 17.78 1.17
N LYS B 61 15.05 16.85 1.13
CA LYS B 61 14.82 15.55 0.55
C LYS B 61 13.68 14.81 1.30
N LEU B 62 13.73 14.80 2.65
CA LEU B 62 12.70 14.09 3.40
C LEU B 62 11.37 14.85 3.27
N GLN B 63 11.42 16.18 3.27
CA GLN B 63 10.18 16.96 3.12
C GLN B 63 9.43 16.53 1.84
N TRP B 64 10.18 16.29 0.74
CA TRP B 64 9.51 15.88 -0.50
C TRP B 64 8.59 14.67 -0.26
N PHE B 65 9.04 13.67 0.50
CA PHE B 65 8.21 12.51 0.81
C PHE B 65 7.07 12.86 1.77
N VAL B 66 7.37 13.66 2.83
CA VAL B 66 6.38 13.95 3.87
C VAL B 66 5.26 14.79 3.31
N GLU B 67 5.58 15.76 2.42
CA GLU B 67 4.51 16.63 1.92
C GLU B 67 3.56 15.89 0.96
N ARG B 68 3.93 14.68 0.52
CA ARG B 68 3.10 13.82 -0.33
C ARG B 68 2.52 12.64 0.49
N ASN B 69 2.68 12.65 1.84
CA ASN B 69 2.10 11.61 2.69
C ASN B 69 2.71 10.25 2.47
N MET B 70 3.93 10.18 1.90
CA MET B 70 4.59 8.88 1.66
C MET B 70 5.05 8.25 2.96
N VAL B 71 5.47 9.12 3.90
CA VAL B 71 5.78 8.76 5.27
C VAL B 71 5.23 9.91 6.10
N ILE B 72 4.61 9.59 7.24
CA ILE B 72 4.01 10.60 8.08
C ILE B 72 4.70 10.58 9.42
N PRO B 73 5.77 11.39 9.62
CA PRO B 73 6.49 11.33 10.90
C PRO B 73 5.54 11.67 12.05
N GLU B 74 5.60 10.87 13.13
CA GLU B 74 4.74 11.07 14.27
C GLU B 74 5.31 10.33 15.46
N GLY B 75 4.93 10.80 16.65
CA GLY B 75 5.34 10.15 17.88
C GLY B 75 6.84 10.06 18.04
N ARG B 76 7.31 8.88 18.43
CA ARG B 76 8.72 8.62 18.67
C ARG B 76 9.37 8.26 17.33
N VAL B 77 10.30 9.11 16.85
CA VAL B 77 10.95 8.94 15.57
C VAL B 77 12.36 8.46 15.79
N ILE B 78 12.75 7.38 15.13
CA ILE B 78 14.13 6.86 15.18
C ILE B 78 14.76 7.20 13.83
N ASP B 79 15.93 7.87 13.83
CA ASP B 79 16.60 8.26 12.59
C ASP B 79 17.95 7.54 12.52
N LEU B 80 17.96 6.41 11.80
CA LEU B 80 19.18 5.58 11.68
C LEU B 80 20.11 6.17 10.61
N GLY B 81 21.38 6.37 10.98
CA GLY B 81 22.35 6.98 10.08
C GLY B 81 22.03 8.46 9.93
N CYS B 82 21.92 9.18 11.07
CA CYS B 82 21.46 10.56 11.00
C CYS B 82 22.45 11.52 10.38
N GLY B 83 23.74 11.17 10.40
CA GLY B 83 24.76 12.08 9.87
C GLY B 83 24.72 13.44 10.59
N ARG B 84 24.71 14.53 9.81
CA ARG B 84 24.66 15.89 10.35
C ARG B 84 23.33 16.15 11.09
N GLY B 85 22.27 15.41 10.70
CA GLY B 85 20.96 15.50 11.34
C GLY B 85 19.82 16.07 10.52
N GLY B 86 19.98 16.19 9.19
CA GLY B 86 18.93 16.82 8.37
C GLY B 86 17.54 16.28 8.52
N TRP B 87 17.42 14.94 8.57
CA TRP B 87 16.10 14.34 8.74
C TRP B 87 15.54 14.58 10.15
N SER B 88 16.40 14.50 11.16
CA SER B 88 15.98 14.66 12.55
C SER B 88 15.50 16.07 12.84
N TYR B 89 16.25 17.09 12.40
CA TYR B 89 15.81 18.47 12.64
C TYR B 89 14.59 18.82 11.85
N TYR B 90 14.39 18.23 10.63
CA TYR B 90 13.14 18.51 9.94
C TYR B 90 11.97 17.86 10.73
N CYS B 91 12.13 16.59 11.14
CA CYS B 91 11.01 15.95 11.90
C CYS B 91 10.66 16.66 13.17
N ALA B 92 11.67 17.28 13.82
CA ALA B 92 11.44 17.93 15.11
C ALA B 92 10.46 19.09 15.08
N GLY B 93 10.28 19.67 13.89
CA GLY B 93 9.34 20.78 13.76
C GLY B 93 7.92 20.36 13.37
N LEU B 94 7.66 19.06 13.18
CA LEU B 94 6.35 18.57 12.74
C LEU B 94 5.44 18.36 13.93
N LYS B 95 4.20 18.89 13.87
CA LYS B 95 3.28 18.82 15.00
C LYS B 95 3.10 17.43 15.62
N LYS B 96 2.96 16.40 14.75
CA LYS B 96 2.70 15.04 15.27
C LYS B 96 3.89 14.39 15.99
N VAL B 97 5.11 14.90 15.78
CA VAL B 97 6.32 14.27 16.33
C VAL B 97 6.52 14.72 17.78
N THR B 98 6.85 13.76 18.67
CA THR B 98 7.05 14.04 20.08
C THR B 98 8.48 13.85 20.55
N GLU B 99 9.30 13.04 19.81
CA GLU B 99 10.68 12.74 20.24
C GLU B 99 11.41 12.29 19.01
N VAL B 100 12.67 12.74 18.81
CA VAL B 100 13.46 12.30 17.70
C VAL B 100 14.77 11.81 18.27
N ARG B 101 15.13 10.58 17.94
N ARG B 101 15.14 10.56 17.96
CA ARG B 101 16.41 10.01 18.35
CA ARG B 101 16.43 10.00 18.38
C ARG B 101 17.17 9.61 17.10
C ARG B 101 17.23 9.55 17.16
N GLY B 102 18.31 10.26 16.87
CA GLY B 102 19.15 9.98 15.71
C GLY B 102 20.43 9.29 16.14
N TYR B 103 20.90 8.35 15.31
CA TYR B 103 22.12 7.59 15.63
C TYR B 103 23.01 7.62 14.41
N THR B 104 24.31 7.81 14.63
CA THR B 104 25.23 7.82 13.48
C THR B 104 26.59 7.35 13.95
N LYS B 105 27.39 6.83 13.04
CA LYS B 105 28.71 6.29 13.37
C LYS B 105 29.68 7.39 13.77
N GLY B 106 29.73 8.47 12.97
CA GLY B 106 30.71 9.52 13.19
C GLY B 106 32.13 8.95 13.04
N GLY B 107 33.11 9.65 13.58
CA GLY B 107 34.49 9.18 13.50
C GLY B 107 35.16 9.69 12.24
N PRO B 108 36.43 9.33 12.06
CA PRO B 108 37.17 9.87 10.90
C PRO B 108 36.53 9.60 9.57
N GLY B 109 36.39 10.66 8.77
CA GLY B 109 35.83 10.59 7.44
C GLY B 109 34.31 10.50 7.36
N HIS B 110 33.63 10.55 8.52
CA HIS B 110 32.16 10.43 8.57
C HIS B 110 31.51 11.67 9.14
N GLU B 111 30.27 11.93 8.74
CA GLU B 111 29.63 13.16 9.22
CA GLU B 111 29.52 13.11 9.19
C GLU B 111 29.28 13.05 10.70
N GLU B 112 29.42 14.19 11.38
CA GLU B 112 29.08 14.22 12.79
C GLU B 112 27.80 15.04 12.95
N PRO B 113 26.98 14.74 13.95
CA PRO B 113 25.79 15.59 14.21
C PRO B 113 26.17 17.06 14.40
N VAL B 114 25.37 17.97 13.80
CA VAL B 114 25.61 19.40 13.93
C VAL B 114 24.60 19.91 14.94
N PRO B 115 25.02 20.53 16.08
CA PRO B 115 24.02 21.06 17.02
C PRO B 115 23.32 22.26 16.40
N MET B 116 21.98 22.29 16.50
CA MET B 116 21.22 23.39 15.95
C MET B 116 20.14 23.82 16.95
N SER B 117 19.53 24.98 16.68
N SER B 117 19.52 24.98 16.69
CA SER B 117 18.46 25.55 17.49
CA SER B 117 18.44 25.51 17.52
C SER B 117 17.26 25.86 16.60
C SER B 117 17.22 25.80 16.66
N THR B 118 17.04 25.01 15.59
CA THR B 118 15.91 25.11 14.70
C THR B 118 14.66 24.70 15.50
N TYR B 119 13.48 25.06 15.00
CA TYR B 119 12.27 24.81 15.74
C TYR B 119 12.13 23.36 16.16
N GLY B 120 11.95 23.17 17.46
CA GLY B 120 11.78 21.83 18.01
C GLY B 120 13.07 21.11 18.34
N TRP B 121 14.21 21.81 18.21
CA TRP B 121 15.52 21.20 18.49
C TRP B 121 15.58 20.46 19.85
N ASN B 122 14.78 20.92 20.86
CA ASN B 122 14.82 20.32 22.23
C ASN B 122 14.31 18.89 22.29
N ILE B 123 13.51 18.48 21.32
CA ILE B 123 13.00 17.10 21.34
C ILE B 123 13.92 16.16 20.57
N VAL B 124 15.10 16.62 20.12
CA VAL B 124 16.02 15.81 19.32
C VAL B 124 17.21 15.40 20.16
N LYS B 125 17.63 14.12 20.05
CA LYS B 125 18.89 13.69 20.66
C LYS B 125 19.63 13.00 19.53
N LEU B 126 20.78 13.54 19.13
CA LEU B 126 21.60 12.93 18.07
C LEU B 126 22.79 12.33 18.78
N MET B 127 23.01 11.01 18.57
CA MET B 127 24.10 10.29 19.21
C MET B 127 25.09 9.82 18.17
N SER B 128 26.36 10.25 18.31
CA SER B 128 27.42 9.81 17.41
C SER B 128 28.18 8.62 18.07
N GLY B 129 29.05 7.98 17.32
CA GLY B 129 29.77 6.81 17.82
C GLY B 129 28.89 5.59 17.97
N LYS B 130 27.74 5.57 17.25
CA LYS B 130 26.81 4.45 17.36
C LYS B 130 26.75 3.71 16.05
N ASP B 131 26.96 2.40 16.07
CA ASP B 131 26.81 1.59 14.87
C ASP B 131 25.40 0.97 14.96
N VAL B 132 24.51 1.36 14.04
CA VAL B 132 23.13 0.88 14.15
C VAL B 132 22.99 -0.60 13.94
N PHE B 133 24.02 -1.29 13.41
CA PHE B 133 23.90 -2.75 13.26
C PHE B 133 23.90 -3.42 14.62
N TYR B 134 24.35 -2.69 15.68
CA TYR B 134 24.38 -3.17 17.07
C TYR B 134 23.32 -2.48 17.96
N LEU B 135 22.33 -1.84 17.36
CA LEU B 135 21.28 -1.16 18.15
C LEU B 135 20.04 -2.06 18.20
N PRO B 136 19.72 -2.66 19.37
CA PRO B 136 18.56 -3.52 19.40
C PRO B 136 17.32 -2.71 19.04
N PRO B 137 16.45 -3.29 18.19
CA PRO B 137 15.18 -2.61 17.86
C PRO B 137 14.35 -2.30 19.09
N GLU B 138 13.73 -1.13 19.06
CA GLU B 138 12.90 -0.59 20.14
C GLU B 138 11.58 -0.22 19.51
N LYS B 139 10.55 -0.08 20.35
CA LYS B 139 9.28 0.40 19.83
C LYS B 139 9.43 1.87 19.41
N CYS B 140 8.88 2.20 18.24
CA CYS B 140 8.88 3.57 17.73
C CYS B 140 7.71 3.71 16.78
N ASP B 141 7.30 4.94 16.55
CA ASP B 141 6.16 5.23 15.69
C ASP B 141 6.59 5.54 14.25
N THR B 142 7.84 5.99 14.08
CA THR B 142 8.39 6.30 12.76
C THR B 142 9.82 5.79 12.73
N LEU B 143 10.14 4.96 11.74
CA LEU B 143 11.50 4.43 11.56
C LEU B 143 12.04 5.03 10.29
N LEU B 144 13.10 5.80 10.42
CA LEU B 144 13.77 6.40 9.27
C LEU B 144 15.17 5.82 9.16
N CYS B 145 15.62 5.59 7.93
CA CYS B 145 16.99 5.09 7.74
C CYS B 145 17.52 5.64 6.43
N ASP B 146 18.68 6.28 6.47
CA ASP B 146 19.25 6.90 5.26
C ASP B 146 20.68 6.46 5.08
N ILE B 147 20.92 5.15 5.16
CA ILE B 147 22.24 4.54 5.07
C ILE B 147 22.45 3.82 3.77
N GLY B 148 23.64 3.98 3.22
CA GLY B 148 24.06 3.23 2.04
C GLY B 148 25.17 3.96 1.35
N GLU B 149 26.38 3.38 1.43
CA GLU B 149 27.58 3.97 0.86
C GLU B 149 27.76 3.48 -0.60
N SER B 150 27.82 4.42 -1.55
N SER B 150 27.81 4.40 -1.56
CA SER B 150 27.99 4.15 -2.99
CA SER B 150 27.99 4.00 -2.95
C SER B 150 29.37 3.53 -3.29
C SER B 150 29.33 3.31 -3.15
N SER B 151 29.43 2.65 -4.28
CA SER B 151 30.67 1.98 -4.71
C SER B 151 30.57 1.85 -6.21
N PRO B 152 31.71 1.89 -6.94
CA PRO B 152 31.65 1.64 -8.40
C PRO B 152 31.21 0.19 -8.66
N SER B 153 31.37 -0.68 -7.66
CA SER B 153 30.95 -2.09 -7.76
C SER B 153 29.51 -2.29 -7.37
N PRO B 154 28.61 -2.73 -8.28
CA PRO B 154 27.21 -2.97 -7.86
C PRO B 154 27.08 -4.21 -6.96
N THR B 155 28.08 -5.13 -6.97
CA THR B 155 28.04 -6.29 -6.07
C THR B 155 28.40 -5.83 -4.65
N VAL B 156 29.32 -4.88 -4.52
CA VAL B 156 29.61 -4.30 -3.21
C VAL B 156 28.31 -3.59 -2.71
N GLU B 157 27.66 -2.80 -3.59
CA GLU B 157 26.44 -2.10 -3.20
C GLU B 157 25.31 -3.08 -2.85
N GLU B 158 25.20 -4.21 -3.58
CA GLU B 158 24.19 -5.24 -3.31
C GLU B 158 24.41 -5.76 -1.87
N SER B 159 25.67 -6.09 -1.50
CA SER B 159 25.98 -6.55 -0.16
C SER B 159 25.59 -5.52 0.89
N ARG B 160 25.97 -4.22 0.68
CA ARG B 160 25.67 -3.15 1.63
C ARG B 160 24.15 -2.98 1.75
N THR B 161 23.43 -3.02 0.62
CA THR B 161 21.97 -2.80 0.63
C THR B 161 21.25 -3.92 1.40
N ILE B 162 21.59 -5.19 1.11
N ILE B 162 21.63 -5.19 1.11
CA ILE B 162 20.94 -6.30 1.82
CA ILE B 162 21.08 -6.38 1.77
C ILE B 162 21.22 -6.23 3.32
C ILE B 162 21.27 -6.30 3.28
N ARG B 163 22.47 -5.88 3.70
CA ARG B 163 22.78 -5.76 5.14
C ARG B 163 21.89 -4.71 5.81
N VAL B 164 21.68 -3.57 5.15
CA VAL B 164 20.77 -2.55 5.68
C VAL B 164 19.34 -3.10 5.78
N LEU B 165 18.88 -3.81 4.72
CA LEU B 165 17.50 -4.32 4.74
C LEU B 165 17.29 -5.33 5.85
N LYS B 166 18.30 -6.17 6.11
CA LYS B 166 18.16 -7.13 7.18
C LYS B 166 18.14 -6.46 8.56
N MET B 167 18.88 -5.36 8.69
CA MET B 167 18.96 -4.58 9.92
C MET B 167 17.62 -3.84 10.18
N VAL B 168 17.04 -3.18 9.15
CA VAL B 168 15.81 -2.43 9.44
C VAL B 168 14.61 -3.29 9.74
N GLU B 169 14.51 -4.48 9.12
CA GLU B 169 13.31 -5.30 9.19
C GLU B 169 12.75 -5.47 10.61
N PRO B 170 13.57 -5.80 11.64
CA PRO B 170 12.97 -6.01 12.98
C PRO B 170 12.49 -4.75 13.67
N TRP B 171 12.75 -3.55 13.09
CA TRP B 171 12.23 -2.29 13.64
C TRP B 171 10.81 -2.03 13.12
N LEU B 172 10.40 -2.77 12.07
CA LEU B 172 9.11 -2.50 11.41
C LEU B 172 7.97 -3.28 12.03
N LYS B 173 7.08 -2.55 12.72
CA LYS B 173 5.99 -3.11 13.48
C LYS B 173 4.77 -2.25 13.31
N ASN B 174 4.13 -2.33 12.15
CA ASN B 174 2.92 -1.54 11.86
C ASN B 174 3.13 -0.06 12.21
N ASN B 175 4.27 0.47 11.80
CA ASN B 175 4.66 1.85 12.05
C ASN B 175 5.04 2.55 10.74
N GLN B 176 5.22 3.84 10.79
CA GLN B 176 5.62 4.60 9.60
C GLN B 176 7.08 4.38 9.31
N PHE B 177 7.46 4.38 8.03
CA PHE B 177 8.90 4.23 7.73
C PHE B 177 9.30 4.85 6.39
N CYS B 178 10.61 5.15 6.27
CA CYS B 178 11.21 5.70 5.06
C CYS B 178 12.64 5.26 5.10
N ILE B 179 13.04 4.34 4.19
CA ILE B 179 14.33 3.66 4.26
C ILE B 179 15.03 3.77 2.91
N LYS B 180 16.29 4.24 2.92
CA LYS B 180 17.03 4.29 1.68
C LYS B 180 17.42 2.89 1.25
N VAL B 181 17.23 2.65 -0.06
CA VAL B 181 17.68 1.40 -0.70
C VAL B 181 18.72 1.89 -1.72
N LEU B 182 20.00 1.76 -1.35
CA LEU B 182 21.11 2.28 -2.12
C LEU B 182 21.10 1.75 -3.57
N ASN B 183 20.99 0.42 -3.68
CA ASN B 183 21.03 -0.27 -4.96
C ASN B 183 19.81 -1.16 -5.03
N PRO B 184 18.74 -0.65 -5.67
CA PRO B 184 17.49 -1.40 -5.68
C PRO B 184 17.37 -2.32 -6.91
N TYR B 185 18.34 -2.26 -7.85
CA TYR B 185 18.20 -2.98 -9.14
C TYR B 185 18.86 -4.36 -9.17
N MET B 186 19.79 -4.63 -8.24
CA MET B 186 20.45 -5.93 -8.28
C MET B 186 19.42 -7.04 -7.98
N PRO B 187 19.45 -8.14 -8.72
CA PRO B 187 18.43 -9.19 -8.54
C PRO B 187 18.17 -9.69 -7.12
N THR B 188 19.23 -9.88 -6.30
N THR B 188 19.22 -9.90 -6.28
CA THR B 188 19.06 -10.37 -4.92
CA THR B 188 18.97 -10.37 -4.91
C THR B 188 18.39 -9.30 -4.04
C THR B 188 18.30 -9.30 -4.07
N VAL B 189 18.59 -8.01 -4.36
CA VAL B 189 17.98 -6.91 -3.65
C VAL B 189 16.49 -6.90 -4.00
N ILE B 190 16.16 -7.01 -5.30
CA ILE B 190 14.75 -7.10 -5.71
C ILE B 190 14.02 -8.25 -5.00
N GLU B 191 14.64 -9.42 -4.92
CA GLU B 191 14.03 -10.58 -4.25
C GLU B 191 13.74 -10.29 -2.79
N HIS B 192 14.69 -9.67 -2.07
CA HIS B 192 14.52 -9.33 -0.66
C HIS B 192 13.42 -8.28 -0.52
N LEU B 193 13.41 -7.24 -1.39
CA LEU B 193 12.36 -6.21 -1.36
C LEU B 193 10.98 -6.80 -1.57
N GLU B 194 10.85 -7.76 -2.51
N GLU B 194 10.86 -7.77 -2.49
CA GLU B 194 9.54 -8.38 -2.76
CA GLU B 194 9.55 -8.40 -2.75
C GLU B 194 9.02 -9.08 -1.51
C GLU B 194 9.03 -9.07 -1.49
N ARG B 195 9.91 -9.78 -0.78
CA ARG B 195 9.53 -10.48 0.45
C ARG B 195 9.21 -9.50 1.55
N LEU B 196 10.00 -8.40 1.64
CA LEU B 196 9.74 -7.34 2.64
C LEU B 196 8.39 -6.68 2.40
N GLN B 197 8.03 -6.42 1.12
CA GLN B 197 6.76 -5.78 0.81
C GLN B 197 5.61 -6.74 1.10
N ARG B 198 5.80 -8.04 0.84
CA ARG B 198 4.72 -9.01 1.16
C ARG B 198 4.44 -9.04 2.66
N LYS B 199 5.45 -8.77 3.49
CA LYS B 199 5.28 -8.83 4.94
C LYS B 199 4.85 -7.50 5.55
N HIS B 200 5.49 -6.37 5.12
CA HIS B 200 5.29 -5.07 5.75
C HIS B 200 4.57 -4.04 4.88
N GLY B 201 4.33 -4.36 3.62
CA GLY B 201 3.69 -3.41 2.75
C GLY B 201 4.65 -2.32 2.32
N GLY B 202 4.08 -1.18 1.94
CA GLY B 202 4.89 -0.08 1.46
C GLY B 202 5.26 -0.23 0.00
N MET B 203 6.06 0.74 -0.49
CA MET B 203 6.48 0.75 -1.89
CA MET B 203 6.46 0.76 -1.90
C MET B 203 7.78 1.51 -2.05
N LEU B 204 8.48 1.22 -3.13
N LEU B 204 8.46 1.32 -3.18
CA LEU B 204 9.76 1.83 -3.44
CA LEU B 204 9.67 2.09 -3.45
C LEU B 204 9.52 3.03 -4.36
C LEU B 204 9.29 3.33 -4.25
N VAL B 205 10.00 4.23 -3.96
N VAL B 205 9.96 4.44 -3.94
CA VAL B 205 9.79 5.50 -4.68
CA VAL B 205 9.73 5.71 -4.63
C VAL B 205 11.13 6.18 -5.01
C VAL B 205 11.06 6.38 -4.92
N ARG B 206 11.13 6.99 -6.09
CA ARG B 206 12.28 7.78 -6.51
C ARG B 206 12.02 9.25 -6.14
N ASN B 207 12.97 9.86 -5.41
CA ASN B 207 12.88 11.25 -5.03
C ASN B 207 13.52 12.11 -6.14
N PRO B 208 12.84 13.15 -6.68
CA PRO B 208 13.44 13.95 -7.77
C PRO B 208 14.63 14.80 -7.32
N LEU B 209 14.85 14.90 -6.01
N LEU B 209 14.85 14.90 -6.01
CA LEU B 209 15.98 15.62 -5.42
CA LEU B 209 15.99 15.62 -5.46
C LEU B 209 17.21 14.71 -5.39
C LEU B 209 17.22 14.71 -5.41
N SER B 210 17.06 13.42 -5.75
CA SER B 210 18.22 12.51 -5.84
C SER B 210 19.01 12.88 -7.10
N ARG B 211 20.35 12.81 -7.03
CA ARG B 211 21.17 13.07 -8.21
C ARG B 211 21.10 11.91 -9.20
N ASN B 212 21.43 12.18 -10.49
CA ASN B 212 21.36 11.11 -11.49
C ASN B 212 22.48 10.09 -11.31
N SER B 213 23.49 10.45 -10.52
CA SER B 213 24.64 9.61 -10.23
C SER B 213 24.34 8.50 -9.21
N THR B 214 23.13 8.46 -8.65
CA THR B 214 22.76 7.39 -7.73
C THR B 214 21.39 6.83 -8.16
N HIS B 215 21.25 5.49 -8.05
CA HIS B 215 20.00 4.83 -8.42
C HIS B 215 19.16 4.63 -7.15
N GLU B 216 19.54 5.34 -6.05
CA GLU B 216 18.81 5.12 -4.80
C GLU B 216 17.31 5.31 -4.95
N MET B 217 16.57 4.49 -4.23
CA MET B 217 15.12 4.65 -4.09
C MET B 217 14.80 4.47 -2.60
N TYR B 218 13.65 4.92 -2.15
CA TYR B 218 13.29 4.84 -0.74
C TYR B 218 12.06 3.99 -0.58
N TRP B 219 12.16 3.04 0.38
CA TRP B 219 11.03 2.19 0.72
C TRP B 219 10.22 2.98 1.76
N ILE B 220 9.01 3.38 1.38
CA ILE B 220 8.11 4.17 2.22
C ILE B 220 6.90 3.36 2.63
N SER B 221 6.36 3.62 3.82
CA SER B 221 5.30 2.74 4.32
C SER B 221 3.94 2.90 3.62
N ASN B 222 3.64 4.12 3.12
CA ASN B 222 2.29 4.44 2.67
C ASN B 222 2.13 4.28 1.19
N GLY B 223 2.03 3.04 0.75
CA GLY B 223 1.92 2.79 -0.67
C GLY B 223 1.99 1.33 -0.99
N THR B 224 1.66 1.01 -2.24
CA THR B 224 1.65 -0.33 -2.80
C THR B 224 2.16 -0.18 -4.19
N GLY B 225 2.42 -1.30 -4.83
CA GLY B 225 2.82 -1.25 -6.23
C GLY B 225 3.81 -2.33 -6.59
N ASN B 226 4.21 -2.34 -7.86
CA ASN B 226 5.11 -3.32 -8.44
C ASN B 226 6.53 -2.80 -8.29
N ILE B 227 7.30 -3.47 -7.45
CA ILE B 227 8.68 -3.02 -7.21
C ILE B 227 9.55 -3.12 -8.47
N VAL B 228 9.49 -4.26 -9.20
CA VAL B 228 10.29 -4.45 -10.43
C VAL B 228 10.02 -3.33 -11.41
N SER B 229 8.74 -3.01 -11.64
CA SER B 229 8.41 -1.97 -12.61
C SER B 229 8.91 -0.59 -12.15
N SER B 230 8.76 -0.28 -10.85
CA SER B 230 9.20 1.00 -10.32
C SER B 230 10.72 1.13 -10.50
N VAL B 231 11.45 0.05 -10.26
CA VAL B 231 12.91 0.10 -10.40
C VAL B 231 13.31 0.28 -11.83
N ASN B 232 12.70 -0.52 -12.74
CA ASN B 232 13.03 -0.41 -14.15
C ASN B 232 12.71 0.98 -14.72
N MET B 233 11.61 1.62 -14.23
N MET B 233 11.63 1.62 -14.24
CA MET B 233 11.23 2.96 -14.66
CA MET B 233 11.31 2.96 -14.73
C MET B 233 12.35 3.98 -14.34
C MET B 233 12.41 3.97 -14.37
N VAL B 234 12.97 3.84 -13.16
CA VAL B 234 14.08 4.71 -12.74
C VAL B 234 15.28 4.39 -13.63
N SER B 235 15.59 3.09 -13.85
CA SER B 235 16.73 2.79 -14.74
C SER B 235 16.52 3.44 -16.11
N ARG B 236 15.29 3.38 -16.63
CA ARG B 236 15.04 3.96 -17.95
C ARG B 236 15.23 5.48 -17.93
N LEU B 237 14.73 6.13 -16.89
CA LEU B 237 14.86 7.58 -16.74
C LEU B 237 16.34 7.97 -16.68
N LEU B 238 17.12 7.27 -15.84
CA LEU B 238 18.55 7.62 -15.70
C LEU B 238 19.34 7.35 -16.97
N LEU B 239 18.98 6.30 -17.73
CA LEU B 239 19.65 6.03 -19.01
C LEU B 239 19.37 7.13 -20.04
N ASN B 240 18.11 7.60 -20.10
CA ASN B 240 17.73 8.64 -21.06
C ASN B 240 18.45 9.94 -20.72
N ARG B 241 18.66 10.20 -19.41
CA ARG B 241 19.35 11.43 -19.02
C ARG B 241 20.82 11.47 -19.43
N PHE B 242 21.44 10.33 -19.81
CA PHE B 242 22.83 10.39 -20.29
C PHE B 242 22.90 11.14 -21.62
N THR B 243 21.89 10.95 -22.49
CA THR B 243 21.91 11.47 -23.87
C THR B 243 21.03 12.67 -24.16
N MET B 244 20.00 12.88 -23.35
CA MET B 244 19.09 14.01 -23.56
C MET B 244 19.90 15.30 -23.41
N THR B 245 19.47 16.35 -24.14
CA THR B 245 20.13 17.64 -24.05
C THR B 245 20.21 18.06 -22.56
N HIS B 246 21.40 18.48 -22.11
CA HIS B 246 21.62 18.90 -20.72
C HIS B 246 20.60 19.95 -20.28
N ARG B 247 19.94 19.70 -19.13
CA ARG B 247 19.00 20.65 -18.57
C ARG B 247 19.55 21.07 -17.22
N ARG B 248 19.73 22.37 -17.05
CA ARG B 248 20.20 22.85 -15.76
C ARG B 248 19.16 22.42 -14.70
N PRO B 249 19.57 22.09 -13.47
CA PRO B 249 18.56 21.63 -12.49
C PRO B 249 17.46 22.66 -12.14
N THR B 250 16.27 22.15 -11.77
CA THR B 250 15.16 22.98 -11.31
C THR B 250 15.52 23.40 -9.88
N ILE B 251 15.72 24.70 -9.66
CA ILE B 251 16.15 25.20 -8.37
C ILE B 251 14.96 25.66 -7.54
N GLU B 252 14.87 25.17 -6.28
CA GLU B 252 13.82 25.54 -5.35
C GLU B 252 14.46 26.14 -4.10
N LYS B 253 13.70 26.99 -3.40
CA LYS B 253 14.16 27.57 -2.13
C LYS B 253 14.30 26.42 -1.12
N ASP B 254 15.40 26.43 -0.36
CA ASP B 254 15.63 25.43 0.68
C ASP B 254 14.63 25.63 1.84
N VAL B 255 14.51 24.62 2.70
CA VAL B 255 13.60 24.68 3.84
C VAL B 255 14.04 25.74 4.83
N ASP B 256 13.07 26.32 5.54
CA ASP B 256 13.31 27.21 6.64
C ASP B 256 12.76 26.47 7.82
N LEU B 257 13.68 25.95 8.65
CA LEU B 257 13.32 25.16 9.81
C LEU B 257 13.07 25.98 11.07
N GLY B 258 12.97 27.31 10.94
CA GLY B 258 12.60 28.16 12.05
C GLY B 258 13.57 28.18 13.22
N ALA B 259 13.03 28.50 14.40
CA ALA B 259 13.82 28.68 15.60
C ALA B 259 13.00 28.42 16.83
N GLY B 260 13.68 28.05 17.90
CA GLY B 260 13.09 27.91 19.22
C GLY B 260 12.65 26.53 19.66
N THR B 261 12.31 26.43 20.94
CA THR B 261 11.86 25.18 21.53
C THR B 261 10.38 24.93 21.25
N ARG B 262 9.98 23.67 21.42
CA ARG B 262 8.58 23.27 21.38
C ARG B 262 8.18 22.85 22.78
N HIS B 263 9.04 22.38 23.59
#